data_3JZA
#
_entry.id   3JZA
#
_cell.length_a   100.756
_cell.length_b   100.756
_cell.length_c   146.360
_cell.angle_alpha   90.000
_cell.angle_beta   90.000
_cell.angle_gamma   120.000
#
_symmetry.space_group_name_H-M   'P 63 2 2'
#
loop_
_entity.id
_entity.type
_entity.pdbx_description
1 polymer 'Ras-related protein Rab-1B'
2 polymer 'Uncharacterized protein DrrA'
3 non-polymer 'PHOSPHATE ION'
4 water water
#
loop_
_entity_poly.entity_id
_entity_poly.type
_entity_poly.pdbx_seq_one_letter_code
_entity_poly.pdbx_strand_id
1 'polypeptide(L)'
;GHMPEYDYLFKLLLIGDSGVGKSCLLLRFADDTYTESYISTIGVDFKIRTIELDGKTIKLQIWDTAGQERFRTITSSYYR
GAHGIIVVYDVTDQESYANVKQWLQEIDRYASENVNKLLVGNKSDLTTKKVVDNTTAKEFADSLGIPFLETSAKNATNVE
QAFMTMAAEIKKRMG
;
A
2 'polypeptide(L)'
;GHMVTRIENLENAKKLWDNANSMLEKGNISGYLKAANELHKFMKEKNLKEDDLRPELSDKTISPKGYAILQSLWGAASDY
SRAAATLTESTVEPGLVSAVNKMSAFFMDCKLSPNERATPDPDFKVGKSKILVGIMQFIKDVADPTSKIWMHNTKALMNH
KIAAIQKLERSNNVNDETLESVLSSKGENLSEYLSYK
;
B
#
# COMPACT_ATOMS: atom_id res chain seq x y z
N GLU A 5 19.48 7.36 -12.03
CA GLU A 5 19.23 8.59 -11.19
C GLU A 5 18.20 9.46 -11.91
N TYR A 6 17.46 10.22 -11.12
CA TYR A 6 16.37 11.00 -11.71
C TYR A 6 16.44 12.42 -11.28
N ASP A 7 15.86 13.30 -12.07
CA ASP A 7 15.71 14.67 -11.60
C ASP A 7 14.58 14.76 -10.59
N TYR A 8 13.52 13.96 -10.78
CA TYR A 8 12.31 13.99 -10.02
C TYR A 8 11.76 12.56 -9.83
N LEU A 9 11.12 12.36 -8.68
CA LEU A 9 10.37 11.16 -8.46
C LEU A 9 8.97 11.58 -8.01
N PHE A 10 7.95 11.24 -8.77
CA PHE A 10 6.63 11.63 -8.45
C PHE A 10 5.86 10.37 -7.99
N LYS A 11 5.24 10.49 -6.83
CA LYS A 11 4.52 9.44 -6.19
C LYS A 11 3.04 9.58 -6.49
N LEU A 12 2.46 8.53 -7.03
CA LEU A 12 1.09 8.46 -7.34
C LEU A 12 0.34 7.42 -6.47
N LEU A 13 -0.85 7.81 -6.01
CA LEU A 13 -1.71 6.95 -5.23
C LEU A 13 -2.94 6.57 -6.09
N LEU A 14 -3.13 5.26 -6.26
CA LEU A 14 -4.27 4.72 -6.97
C LEU A 14 -5.26 4.15 -5.95
N ILE A 15 -6.41 4.81 -5.89
CA ILE A 15 -7.42 4.54 -4.93
C ILE A 15 -8.60 3.92 -5.68
N GLY A 16 -8.96 2.75 -5.24
CA GLY A 16 -10.10 2.10 -5.81
C GLY A 16 -10.41 0.77 -5.16
N ASP A 17 -11.68 0.44 -5.16
CA ASP A 17 -12.11 -0.86 -4.66
C ASP A 17 -11.68 -1.97 -5.61
N SER A 18 -11.83 -3.19 -5.18
CA SER A 18 -11.79 -4.35 -6.12
C SER A 18 -12.98 -4.28 -7.02
N GLY A 19 -12.78 -4.73 -8.25
CA GLY A 19 -13.90 -4.87 -9.22
C GLY A 19 -14.23 -3.59 -10.00
N VAL A 20 -13.39 -2.56 -9.91
CA VAL A 20 -13.60 -1.32 -10.65
C VAL A 20 -12.62 -1.21 -11.81
N GLY A 21 -11.71 -2.18 -11.92
CA GLY A 21 -10.83 -2.36 -13.07
C GLY A 21 -9.53 -1.58 -12.95
N LYS A 22 -8.97 -1.48 -11.75
CA LYS A 22 -7.72 -0.66 -11.52
C LYS A 22 -6.55 -1.12 -12.42
N SER A 23 -6.48 -2.44 -12.70
CA SER A 23 -5.43 -2.99 -13.56
C SER A 23 -5.35 -2.24 -14.85
N CYS A 24 -6.51 -1.93 -15.40
CA CYS A 24 -6.60 -1.14 -16.60
C CYS A 24 -5.80 0.12 -16.62
N LEU A 25 -5.50 0.67 -15.47
CA LEU A 25 -4.83 1.96 -15.48
C LEU A 25 -3.31 1.80 -15.35
N LEU A 26 -2.84 0.56 -15.23
CA LEU A 26 -1.46 0.32 -14.88
C LEU A 26 -0.65 -0.36 -15.96
N LEU A 27 -1.23 -0.50 -17.15
CA LEU A 27 -0.56 -1.16 -18.24
C LEU A 27 0.70 -0.47 -18.78
N ARG A 28 0.88 0.85 -18.61
CA ARG A 28 2.15 1.52 -19.01
C ARG A 28 3.19 1.65 -17.86
N PHE A 29 2.89 1.05 -16.71
CA PHE A 29 3.80 0.82 -15.63
C PHE A 29 4.29 -0.61 -15.54
N ALA A 30 5.47 -0.79 -14.97
CA ALA A 30 6.10 -2.11 -14.89
C ALA A 30 6.50 -2.42 -13.51
N ASP A 31 6.74 -3.69 -13.22
CA ASP A 31 7.11 -4.08 -11.90
C ASP A 31 8.61 -3.87 -11.89
N ASP A 32 9.12 -3.42 -10.77
CA ASP A 32 10.55 -3.46 -10.52
C ASP A 32 11.04 -4.90 -10.38
N THR A 33 12.35 -5.07 -10.51
CA THR A 33 12.94 -6.35 -10.64
C THR A 33 13.78 -6.69 -9.41
N TYR A 34 13.45 -7.75 -8.74
CA TYR A 34 14.07 -8.07 -7.43
C TYR A 34 14.84 -9.37 -7.36
N THR A 35 15.89 -9.38 -6.55
CA THR A 35 16.47 -10.62 -6.10
C THR A 35 16.10 -10.92 -4.64
N GLU A 36 15.65 -9.89 -3.93
CA GLU A 36 15.32 -10.01 -2.55
C GLU A 36 14.36 -11.18 -2.32
N SER A 37 14.76 -12.15 -1.50
CA SER A 37 14.04 -13.41 -1.29
C SER A 37 12.60 -13.16 -0.86
N TYR A 38 12.44 -12.28 0.11
CA TYR A 38 11.15 -12.07 0.74
C TYR A 38 10.23 -11.40 -0.21
N ILE A 39 10.72 -10.42 -0.99
CA ILE A 39 9.91 -9.76 -2.00
C ILE A 39 9.55 -10.70 -3.14
N SER A 40 10.49 -11.51 -3.53
CA SER A 40 10.27 -12.43 -4.64
CA SER A 40 10.26 -12.41 -4.64
C SER A 40 9.12 -13.42 -4.35
N THR A 41 8.89 -13.76 -3.09
CA THR A 41 7.75 -14.62 -2.70
C THR A 41 6.35 -13.96 -2.75
N ILE A 42 6.29 -12.64 -2.63
CA ILE A 42 5.02 -11.96 -2.41
C ILE A 42 4.71 -10.82 -3.37
N GLY A 43 5.75 -10.14 -3.84
CA GLY A 43 5.63 -9.03 -4.74
C GLY A 43 5.42 -7.75 -3.95
N VAL A 44 5.11 -6.67 -4.66
CA VAL A 44 4.91 -5.36 -4.06
C VAL A 44 3.63 -4.79 -4.63
N ASP A 45 3.22 -3.63 -4.14
CA ASP A 45 1.96 -3.00 -4.51
C ASP A 45 2.18 -1.74 -5.37
N PHE A 46 3.41 -1.51 -5.80
CA PHE A 46 3.69 -0.39 -6.68
C PHE A 46 4.31 -0.78 -7.99
N LYS A 47 4.16 0.10 -8.97
CA LYS A 47 4.74 -0.09 -10.30
C LYS A 47 5.39 1.17 -10.74
N ILE A 48 6.25 1.08 -11.71
CA ILE A 48 7.12 2.20 -12.06
C ILE A 48 7.24 2.43 -13.53
N ARG A 49 7.64 3.67 -13.89
CA ARG A 49 8.05 3.99 -15.23
C ARG A 49 8.88 5.29 -15.22
N THR A 50 9.61 5.54 -16.30
CA THR A 50 10.42 6.75 -16.46
C THR A 50 9.92 7.50 -17.69
N ILE A 51 9.77 8.81 -17.56
CA ILE A 51 9.47 9.67 -18.65
C ILE A 51 10.49 10.88 -18.67
N GLU A 52 10.46 11.60 -19.76
CA GLU A 52 11.27 12.81 -19.91
CA GLU A 52 11.29 12.78 -19.99
C GLU A 52 10.36 13.94 -20.28
N LEU A 53 10.44 14.99 -19.49
CA LEU A 53 9.75 16.23 -19.78
C LEU A 53 10.71 17.42 -19.61
N ASP A 54 10.79 18.23 -20.65
CA ASP A 54 11.60 19.47 -20.58
C ASP A 54 13.06 19.17 -20.25
N GLY A 55 13.57 18.01 -20.71
CA GLY A 55 14.98 17.72 -20.49
C GLY A 55 15.19 17.05 -19.15
N LYS A 56 14.14 16.83 -18.39
CA LYS A 56 14.25 16.29 -17.04
C LYS A 56 13.71 14.85 -17.00
N THR A 57 14.49 13.99 -16.35
CA THR A 57 14.13 12.57 -16.21
C THR A 57 13.31 12.36 -14.94
N ILE A 58 12.12 11.86 -15.12
CA ILE A 58 11.14 11.72 -14.01
C ILE A 58 10.72 10.28 -13.82
N LYS A 59 10.91 9.77 -12.62
CA LYS A 59 10.32 8.48 -12.24
C LYS A 59 8.94 8.74 -11.74
N LEU A 60 7.99 7.99 -12.29
CA LEU A 60 6.65 7.88 -11.74
C LEU A 60 6.54 6.53 -11.01
N GLN A 61 6.15 6.57 -9.76
CA GLN A 61 5.96 5.39 -8.93
C GLN A 61 4.56 5.44 -8.41
N ILE A 62 3.76 4.40 -8.78
CA ILE A 62 2.31 4.38 -8.48
C ILE A 62 2.04 3.20 -7.53
N TRP A 63 1.41 3.52 -6.39
CA TRP A 63 1.03 2.59 -5.36
C TRP A 63 -0.50 2.29 -5.49
N ASP A 64 -0.81 1.03 -5.77
CA ASP A 64 -2.17 0.55 -5.60
C ASP A 64 -2.16 -0.17 -4.28
N THR A 65 -2.41 0.55 -3.24
CA THR A 65 -1.86 0.21 -1.95
C THR A 65 -2.58 -1.08 -1.47
N ALA A 66 -1.79 -2.06 -1.05
CA ALA A 66 -2.34 -3.36 -0.66
C ALA A 66 -3.23 -3.15 0.55
N GLY A 67 -4.38 -3.81 0.59
CA GLY A 67 -5.25 -3.70 1.75
C GLY A 67 -6.16 -2.44 1.82
N GLN A 68 -6.03 -1.53 0.87
CA GLN A 68 -6.72 -0.25 0.96
C GLN A 68 -8.29 -0.49 1.05
N GLU A 69 -8.84 -1.49 0.38
CA GLU A 69 -10.30 -1.71 0.40
C GLU A 69 -10.87 -2.03 1.79
N ARG A 70 -9.98 -2.42 2.70
CA ARG A 70 -10.40 -2.69 4.01
C ARG A 70 -10.51 -1.48 4.92
N PHE A 71 -9.75 -0.42 4.60
CA PHE A 71 -9.66 0.79 5.51
C PHE A 71 -10.02 2.05 4.81
N ARG A 72 -11.32 2.32 4.72
CA ARG A 72 -11.84 3.38 3.89
C ARG A 72 -12.13 4.65 4.73
N THR A 73 -11.81 4.67 6.00
CA THR A 73 -11.77 6.01 6.73
C THR A 73 -10.67 6.85 6.06
N ILE A 74 -10.89 8.13 5.86
CA ILE A 74 -9.94 8.94 5.13
C ILE A 74 -8.93 9.56 6.06
N THR A 75 -7.72 9.02 6.00
CA THR A 75 -6.64 9.38 6.90
C THR A 75 -5.52 9.96 6.03
N SER A 76 -4.47 10.42 6.68
CA SER A 76 -3.38 10.97 5.97
C SER A 76 -2.71 10.00 4.97
N SER A 77 -2.88 8.69 5.14
CA SER A 77 -2.52 7.78 4.06
C SER A 77 -3.15 8.01 2.69
N TYR A 78 -4.30 8.65 2.67
CA TYR A 78 -4.99 9.00 1.46
C TYR A 78 -4.74 10.41 0.96
N TYR A 79 -4.43 11.35 1.89
CA TYR A 79 -4.34 12.74 1.53
C TYR A 79 -3.01 13.43 1.63
N ARG A 80 -1.99 12.70 2.10
CA ARG A 80 -0.64 13.20 2.30
C ARG A 80 0.41 12.22 1.82
N GLY A 81 1.53 12.76 1.33
CA GLY A 81 2.66 11.90 0.93
C GLY A 81 2.56 11.34 -0.49
N ALA A 82 1.68 11.92 -1.31
CA ALA A 82 1.59 11.60 -2.74
C ALA A 82 1.53 12.90 -3.53
N HIS A 83 2.23 12.93 -4.68
CA HIS A 83 2.14 14.06 -5.66
C HIS A 83 0.80 14.05 -6.41
N GLY A 84 0.26 12.88 -6.68
CA GLY A 84 -0.93 12.76 -7.41
C GLY A 84 -1.82 11.63 -6.86
N ILE A 85 -3.12 11.81 -6.92
CA ILE A 85 -4.08 10.81 -6.44
C ILE A 85 -5.05 10.52 -7.58
N ILE A 86 -5.23 9.23 -7.92
CA ILE A 86 -6.12 8.80 -8.96
C ILE A 86 -7.22 7.93 -8.25
N VAL A 87 -8.48 8.37 -8.37
CA VAL A 87 -9.59 7.71 -7.75
C VAL A 87 -10.50 7.14 -8.81
N VAL A 88 -10.70 5.85 -8.74
CA VAL A 88 -11.39 5.06 -9.77
C VAL A 88 -12.75 4.45 -9.30
N TYR A 89 -13.84 4.76 -10.03
CA TYR A 89 -15.09 4.14 -9.74
C TYR A 89 -15.48 3.40 -11.01
N ASP A 90 -16.46 2.53 -10.85
CA ASP A 90 -17.01 1.65 -11.92
C ASP A 90 -18.33 2.20 -12.43
N VAL A 91 -18.39 2.43 -13.73
CA VAL A 91 -19.43 3.24 -14.34
C VAL A 91 -20.74 2.43 -14.33
N THR A 92 -20.61 1.12 -14.15
CA THR A 92 -21.73 0.19 -14.16
C THR A 92 -22.31 0.13 -12.77
N ASP A 93 -21.77 0.95 -11.87
CA ASP A 93 -22.06 0.72 -10.46
C ASP A 93 -22.26 2.00 -9.72
N GLN A 94 -23.51 2.28 -9.46
CA GLN A 94 -23.82 3.49 -8.74
C GLN A 94 -23.21 3.53 -7.36
N GLU A 95 -23.15 2.44 -6.61
CA GLU A 95 -22.65 2.53 -5.24
CA GLU A 95 -22.66 2.55 -5.23
C GLU A 95 -21.15 2.87 -5.23
N SER A 96 -20.47 2.45 -6.28
CA SER A 96 -19.04 2.74 -6.53
C SER A 96 -18.82 4.21 -6.67
N TYR A 97 -19.63 4.85 -7.49
CA TYR A 97 -19.52 6.29 -7.64
C TYR A 97 -19.79 6.95 -6.30
N ALA A 98 -20.91 6.56 -5.65
CA ALA A 98 -21.25 7.14 -4.33
C ALA A 98 -20.11 7.00 -3.31
N ASN A 99 -19.46 5.84 -3.22
CA ASN A 99 -18.29 5.70 -2.35
C ASN A 99 -17.13 6.62 -2.75
N VAL A 100 -16.77 6.60 -4.00
CA VAL A 100 -15.61 7.45 -4.37
C VAL A 100 -15.89 8.96 -4.16
N LYS A 101 -17.17 9.36 -4.29
CA LYS A 101 -17.52 10.75 -4.16
C LYS A 101 -17.20 11.17 -2.74
N GLN A 102 -17.64 10.31 -1.84
CA GLN A 102 -17.43 10.49 -0.45
C GLN A 102 -15.94 10.55 -0.19
N TRP A 103 -15.18 9.59 -0.73
CA TRP A 103 -13.72 9.55 -0.40
C TRP A 103 -13.05 10.79 -0.87
N LEU A 104 -13.38 11.20 -2.06
CA LEU A 104 -12.81 12.43 -2.61
C LEU A 104 -13.20 13.72 -1.90
N GLN A 105 -14.46 13.82 -1.45
CA GLN A 105 -14.89 14.96 -0.60
C GLN A 105 -14.00 15.09 0.64
N GLU A 106 -13.82 13.97 1.31
CA GLU A 106 -12.96 13.94 2.47
C GLU A 106 -11.53 14.18 2.13
N ILE A 107 -11.02 13.66 1.01
CA ILE A 107 -9.62 13.92 0.66
C ILE A 107 -9.43 15.40 0.36
N ASP A 108 -10.40 16.02 -0.31
CA ASP A 108 -10.37 17.43 -0.59
C ASP A 108 -10.32 18.24 0.68
N ARG A 109 -11.02 17.79 1.70
CA ARG A 109 -11.06 18.50 2.95
C ARG A 109 -9.70 18.63 3.62
N TYR A 110 -8.89 17.56 3.59
CA TYR A 110 -7.62 17.51 4.31
C TYR A 110 -6.36 17.67 3.46
N ALA A 111 -6.43 17.38 2.17
CA ALA A 111 -5.19 17.45 1.35
C ALA A 111 -4.71 18.90 1.08
N SER A 112 -3.42 19.06 0.84
CA SER A 112 -2.85 20.27 0.22
C SER A 112 -3.49 20.54 -1.14
N GLU A 113 -3.68 21.82 -1.45
CA GLU A 113 -4.00 22.25 -2.82
C GLU A 113 -2.88 21.80 -3.79
N ASN A 114 -1.68 21.58 -3.28
CA ASN A 114 -0.59 21.15 -4.13
C ASN A 114 -0.63 19.69 -4.58
N VAL A 115 -1.71 18.97 -4.37
CA VAL A 115 -1.76 17.57 -4.78
C VAL A 115 -2.65 17.47 -6.00
N ASN A 116 -2.16 16.88 -7.09
CA ASN A 116 -2.98 16.65 -8.28
C ASN A 116 -3.91 15.46 -8.12
N LYS A 117 -5.12 15.58 -8.62
CA LYS A 117 -6.09 14.51 -8.44
C LYS A 117 -6.80 14.24 -9.76
N LEU A 118 -7.43 13.10 -9.84
CA LEU A 118 -8.11 12.72 -11.04
C LEU A 118 -9.21 11.75 -10.65
N LEU A 119 -10.44 12.04 -11.12
CA LEU A 119 -11.58 11.12 -11.00
C LEU A 119 -11.71 10.33 -12.26
N VAL A 120 -11.73 9.02 -12.12
CA VAL A 120 -11.82 8.12 -13.27
C VAL A 120 -13.06 7.25 -13.18
N GLY A 121 -13.87 7.33 -14.23
CA GLY A 121 -15.02 6.43 -14.42
C GLY A 121 -14.63 5.33 -15.41
N ASN A 122 -14.42 4.13 -14.88
CA ASN A 122 -13.99 2.96 -15.64
C ASN A 122 -15.14 2.01 -15.95
N LYS A 123 -14.99 1.30 -17.05
CA LYS A 123 -16.02 0.39 -17.52
C LYS A 123 -15.15 -0.70 -18.09
N SER A 124 -15.06 -1.82 -17.38
CA SER A 124 -14.06 -2.81 -17.71
C SER A 124 -14.43 -3.55 -19.02
N ASP A 125 -15.72 -3.87 -19.15
CA ASP A 125 -16.19 -4.87 -20.10
C ASP A 125 -17.31 -4.34 -21.01
N LEU A 126 -17.28 -4.80 -22.27
CA LEU A 126 -18.17 -4.27 -23.32
C LEU A 126 -19.66 -4.48 -23.05
N THR A 127 -20.00 -5.30 -22.04
CA THR A 127 -21.29 -6.03 -22.04
C THR A 127 -22.16 -5.90 -20.77
N THR A 128 -21.60 -5.30 -19.70
CA THR A 128 -22.35 -4.91 -18.50
C THR A 128 -23.15 -3.61 -18.78
N LYS A 129 -23.98 -3.16 -17.84
CA LYS A 129 -24.78 -1.94 -18.08
C LYS A 129 -24.23 -0.67 -17.41
N LYS A 130 -24.10 0.40 -18.20
CA LYS A 130 -23.71 1.72 -17.68
C LYS A 130 -24.88 2.33 -16.91
N VAL A 131 -24.59 2.98 -15.77
CA VAL A 131 -25.65 3.63 -14.96
C VAL A 131 -25.26 4.96 -14.31
N VAL A 132 -23.96 5.30 -14.28
CA VAL A 132 -23.53 6.59 -13.77
C VAL A 132 -23.37 7.69 -14.85
N ASP A 133 -24.26 8.68 -14.79
CA ASP A 133 -24.27 9.85 -15.70
C ASP A 133 -22.95 10.66 -15.66
N ASN A 134 -22.23 10.75 -16.77
CA ASN A 134 -20.97 11.48 -16.75
C ASN A 134 -21.14 13.00 -16.49
N THR A 135 -22.33 13.54 -16.77
CA THR A 135 -22.60 14.94 -16.43
C THR A 135 -22.56 15.11 -14.94
N THR A 136 -23.08 14.13 -14.22
CA THR A 136 -23.14 14.24 -12.78
C THR A 136 -21.73 14.10 -12.21
N ALA A 137 -20.96 13.15 -12.74
CA ALA A 137 -19.58 12.95 -12.26
C ALA A 137 -18.72 14.14 -12.63
N LYS A 138 -18.82 14.59 -13.87
CA LYS A 138 -18.15 15.82 -14.31
C LYS A 138 -18.56 17.04 -13.45
N GLU A 139 -19.87 17.27 -13.23
CA GLU A 139 -20.34 18.34 -12.29
C GLU A 139 -19.66 18.16 -10.90
N PHE A 140 -19.62 16.93 -10.39
CA PHE A 140 -18.95 16.71 -9.13
C PHE A 140 -17.41 17.04 -9.20
N ALA A 141 -16.77 16.62 -10.29
CA ALA A 141 -15.36 16.82 -10.50
C ALA A 141 -15.03 18.29 -10.61
N ASP A 142 -15.90 19.03 -11.29
CA ASP A 142 -15.65 20.46 -11.50
C ASP A 142 -15.76 21.18 -10.15
N SER A 143 -16.68 20.72 -9.31
CA SER A 143 -16.95 21.34 -8.00
C SER A 143 -15.73 21.26 -7.08
N LEU A 144 -14.96 20.20 -7.20
CA LEU A 144 -13.71 20.05 -6.45
C LEU A 144 -12.54 20.53 -7.28
N GLY A 145 -12.83 20.84 -8.55
CA GLY A 145 -11.87 21.49 -9.42
C GLY A 145 -10.86 20.46 -9.86
N ILE A 146 -11.32 19.25 -10.11
CA ILE A 146 -10.42 18.21 -10.57
C ILE A 146 -10.85 17.57 -11.89
N PRO A 147 -9.87 17.09 -12.64
CA PRO A 147 -10.20 16.50 -13.93
C PRO A 147 -10.96 15.22 -13.76
N PHE A 148 -11.72 14.92 -14.79
CA PHE A 148 -12.52 13.75 -14.85
C PHE A 148 -12.18 13.05 -16.15
N LEU A 149 -12.13 11.72 -16.09
CA LEU A 149 -11.83 10.87 -17.24
C LEU A 149 -12.74 9.64 -17.23
N GLU A 150 -13.37 9.34 -18.37
CA GLU A 150 -14.12 8.08 -18.54
C GLU A 150 -13.28 7.12 -19.38
N THR A 151 -13.08 5.89 -18.90
CA THR A 151 -12.14 4.98 -19.54
C THR A 151 -12.77 3.63 -19.73
N SER A 152 -12.28 2.92 -20.75
CA SER A 152 -12.71 1.56 -21.06
C SER A 152 -11.54 0.58 -20.95
N ASN A 155 -10.47 1.55 -25.28
CA ASN A 155 -9.61 2.74 -25.32
C ASN A 155 -8.63 2.78 -24.14
N ALA A 156 -7.40 2.32 -24.35
CA ALA A 156 -6.27 2.60 -23.42
C ALA A 156 -5.73 4.05 -23.62
N THR A 157 -5.66 4.52 -24.88
CA THR A 157 -5.11 5.86 -25.22
C THR A 157 -5.34 7.07 -24.28
N ASN A 158 -6.55 7.26 -23.80
CA ASN A 158 -6.80 8.48 -23.02
C ASN A 158 -6.25 8.38 -21.58
N VAL A 159 -6.01 7.15 -21.13
CA VAL A 159 -5.40 6.89 -19.84
C VAL A 159 -3.96 7.35 -19.84
N GLU A 160 -3.23 6.99 -20.90
CA GLU A 160 -1.87 7.48 -21.08
C GLU A 160 -1.82 9.00 -21.12
N GLN A 161 -2.72 9.64 -21.88
CA GLN A 161 -2.80 11.12 -21.89
C GLN A 161 -3.01 11.73 -20.51
N ALA A 162 -3.82 11.07 -19.68
CA ALA A 162 -4.18 11.54 -18.36
C ALA A 162 -2.96 11.47 -17.48
N PHE A 163 -2.22 10.39 -17.58
CA PHE A 163 -0.98 10.26 -16.75
C PHE A 163 0.03 11.29 -17.17
N MET A 164 0.13 11.48 -18.48
CA MET A 164 1.08 12.48 -18.99
C MET A 164 0.72 13.90 -18.57
N THR A 165 -0.57 14.27 -18.68
CA THR A 165 -1.03 15.56 -18.19
C THR A 165 -0.80 15.68 -16.69
N MET A 166 -1.14 14.64 -15.92
CA MET A 166 -0.84 14.74 -14.49
C MET A 166 0.65 14.90 -14.20
N ALA A 167 1.51 14.11 -14.85
CA ALA A 167 2.93 14.33 -14.64
C ALA A 167 3.38 15.74 -15.00
N ALA A 168 2.85 16.25 -16.11
CA ALA A 168 3.19 17.65 -16.49
C ALA A 168 2.79 18.63 -15.40
N GLU A 169 1.60 18.45 -14.82
CA GLU A 169 1.10 19.40 -13.82
C GLU A 169 1.82 19.32 -12.52
N ILE A 170 2.16 18.10 -12.10
CA ILE A 170 3.00 17.90 -10.93
C ILE A 170 4.36 18.61 -11.11
N LYS A 171 4.98 18.39 -12.24
CA LYS A 171 6.29 19.03 -12.55
C LYS A 171 6.25 20.59 -12.40
N LYS A 172 5.18 21.20 -12.90
CA LYS A 172 5.04 22.68 -12.74
C LYS A 172 5.04 23.19 -11.27
N ARG A 173 4.48 22.42 -10.35
CA ARG A 173 4.46 22.79 -8.95
C ARG A 173 5.69 22.38 -8.15
N MET A 174 6.41 21.34 -8.58
CA MET A 174 7.66 20.92 -7.90
C MET A 174 8.86 21.65 -8.43
N VAL B 4 0.36 -35.61 0.88
CA VAL B 4 -0.91 -35.20 1.54
C VAL B 4 -2.00 -34.72 0.51
N THR B 5 -3.26 -34.59 0.96
CA THR B 5 -4.37 -34.20 0.09
C THR B 5 -4.72 -32.70 0.22
N ARG B 6 -5.48 -32.21 -0.76
CA ARG B 6 -5.89 -30.82 -0.77
C ARG B 6 -6.74 -30.53 0.49
N ILE B 7 -7.58 -31.50 0.86
CA ILE B 7 -8.43 -31.32 2.04
C ILE B 7 -7.55 -31.15 3.29
N GLU B 8 -6.50 -31.95 3.42
CA GLU B 8 -5.56 -31.88 4.56
C GLU B 8 -4.82 -30.60 4.55
N ASN B 9 -4.32 -30.21 3.38
CA ASN B 9 -3.58 -28.97 3.27
C ASN B 9 -4.46 -27.77 3.64
N LEU B 10 -5.70 -27.74 3.17
CA LEU B 10 -6.63 -26.71 3.60
C LEU B 10 -6.83 -26.63 5.12
N GLU B 11 -6.93 -27.77 5.80
CA GLU B 11 -7.07 -27.81 7.27
C GLU B 11 -5.84 -27.26 7.94
N ASN B 12 -4.68 -27.59 7.39
CA ASN B 12 -3.45 -27.00 7.94
C ASN B 12 -3.35 -25.52 7.72
N ALA B 13 -3.79 -25.06 6.56
CA ALA B 13 -3.78 -23.61 6.25
C ALA B 13 -4.71 -22.84 7.26
N LYS B 14 -5.84 -23.48 7.55
CA LYS B 14 -6.83 -22.96 8.47
C LYS B 14 -6.23 -22.78 9.83
N LYS B 15 -5.51 -23.77 10.31
CA LYS B 15 -4.80 -23.71 11.58
C LYS B 15 -3.79 -22.59 11.55
N LEU B 16 -3.09 -22.45 10.42
CA LEU B 16 -2.08 -21.37 10.30
C LEU B 16 -2.69 -19.97 10.38
N TRP B 17 -3.82 -19.78 9.69
CA TRP B 17 -4.57 -18.54 9.68
C TRP B 17 -5.00 -18.21 11.11
N ASP B 18 -5.46 -19.25 11.79
CA ASP B 18 -5.89 -19.12 13.21
C ASP B 18 -4.73 -18.74 14.08
N ASN B 19 -3.52 -19.25 13.85
CA ASN B 19 -2.40 -18.87 14.66
CA ASN B 19 -2.43 -18.84 14.73
C ASN B 19 -2.14 -17.38 14.56
N ALA B 20 -2.30 -16.88 13.35
CA ALA B 20 -2.01 -15.47 13.01
C ALA B 20 -3.07 -14.62 13.69
N ASN B 21 -4.32 -15.04 13.53
CA ASN B 21 -5.44 -14.38 14.18
C ASN B 21 -5.26 -14.37 15.71
N SER B 22 -4.70 -15.43 16.31
CA SER B 22 -4.46 -15.45 17.76
CA SER B 22 -4.54 -15.41 17.77
C SER B 22 -3.43 -14.43 18.21
N MET B 23 -2.40 -14.27 17.40
CA MET B 23 -1.34 -13.29 17.67
C MET B 23 -1.87 -11.86 17.60
N LEU B 24 -2.74 -11.66 16.60
CA LEU B 24 -3.44 -10.41 16.38
C LEU B 24 -4.21 -10.03 17.59
N GLU B 25 -5.00 -10.98 18.13
CA GLU B 25 -5.78 -10.75 19.35
C GLU B 25 -4.97 -10.44 20.63
N LYS B 26 -3.68 -10.76 20.61
CA LYS B 26 -2.79 -10.69 21.78
C LYS B 26 -2.06 -9.41 21.67
N GLY B 27 -2.29 -8.71 20.54
CA GLY B 27 -1.53 -7.59 20.13
C GLY B 27 -0.05 -7.91 19.96
N ASN B 28 0.31 -9.15 19.59
CA ASN B 28 1.72 -9.45 19.39
C ASN B 28 2.14 -9.17 17.92
N ILE B 29 2.73 -8.01 17.67
CA ILE B 29 3.02 -7.53 16.30
C ILE B 29 4.03 -8.44 15.62
N SER B 30 5.13 -8.70 16.31
CA SER B 30 6.10 -9.59 15.74
CA SER B 30 6.10 -9.59 15.72
CA SER B 30 6.13 -9.60 15.76
C SER B 30 5.55 -10.96 15.45
N GLY B 31 4.78 -11.45 16.39
CA GLY B 31 4.28 -12.82 16.23
C GLY B 31 3.19 -12.91 15.17
N TYR B 32 2.36 -11.86 15.04
CA TYR B 32 1.36 -11.82 13.89
C TYR B 32 2.10 -11.87 12.56
N LEU B 33 3.20 -11.11 12.46
CA LEU B 33 3.85 -10.90 11.14
C LEU B 33 4.54 -12.20 10.72
N LYS B 34 5.14 -12.86 11.69
CA LYS B 34 5.72 -14.20 11.45
C LYS B 34 4.69 -15.26 11.08
N ALA B 35 3.56 -15.26 11.76
CA ALA B 35 2.53 -16.19 11.45
C ALA B 35 1.83 -15.96 10.14
N ALA B 36 1.60 -14.67 9.83
CA ALA B 36 1.08 -14.36 8.51
C ALA B 36 2.07 -14.85 7.43
N ASN B 37 3.35 -14.72 7.71
CA ASN B 37 4.37 -15.12 6.72
C ASN B 37 4.31 -16.71 6.60
N GLU B 38 4.21 -17.40 7.72
CA GLU B 38 4.17 -18.88 7.72
C GLU B 38 2.89 -19.31 6.92
N LEU B 39 1.78 -18.63 7.12
CA LEU B 39 0.59 -18.88 6.30
C LEU B 39 0.83 -18.72 4.83
N HIS B 40 1.45 -17.58 4.47
CA HIS B 40 1.73 -17.27 3.10
C HIS B 40 2.69 -18.32 2.49
N LYS B 41 3.77 -18.63 3.20
CA LYS B 41 4.70 -19.66 2.74
C LYS B 41 3.99 -21.02 2.45
N PHE B 42 3.18 -21.47 3.43
CA PHE B 42 2.60 -22.79 3.36
C PHE B 42 1.64 -22.76 2.13
N MET B 43 0.79 -21.74 2.02
CA MET B 43 -0.16 -21.69 0.89
C MET B 43 0.55 -21.56 -0.47
N LYS B 44 1.68 -20.84 -0.56
CA LYS B 44 2.47 -20.83 -1.80
C LYS B 44 3.06 -22.22 -2.13
N GLU B 45 3.66 -22.86 -1.12
CA GLU B 45 4.12 -24.24 -1.25
C GLU B 45 3.03 -25.15 -1.76
N LYS B 46 1.81 -25.02 -1.20
CA LYS B 46 0.77 -25.94 -1.57
C LYS B 46 -0.09 -25.48 -2.74
N ASN B 47 0.34 -24.45 -3.45
CA ASN B 47 -0.48 -23.86 -4.52
C ASN B 47 -1.94 -23.61 -4.07
N LEU B 48 -2.14 -23.09 -2.85
CA LEU B 48 -3.46 -22.64 -2.33
C LEU B 48 -3.55 -21.09 -2.35
N LYS B 49 -4.70 -20.58 -2.79
CA LYS B 49 -4.91 -19.15 -2.88
C LYS B 49 -5.98 -18.76 -1.85
N GLU B 50 -6.11 -17.46 -1.66
CA GLU B 50 -7.02 -16.94 -0.66
C GLU B 50 -8.46 -17.44 -0.88
N ASP B 51 -8.88 -17.44 -2.14
CA ASP B 51 -10.24 -17.89 -2.43
C ASP B 51 -10.38 -19.39 -2.11
N ASP B 52 -9.26 -20.14 -2.05
CA ASP B 52 -9.34 -21.60 -1.70
C ASP B 52 -9.61 -21.76 -0.20
N LEU B 53 -8.98 -20.90 0.61
CA LEU B 53 -9.15 -20.98 2.07
C LEU B 53 -10.46 -20.38 2.62
N ARG B 54 -10.95 -19.36 1.93
CA ARG B 54 -12.00 -18.48 2.46
C ARG B 54 -13.27 -19.25 2.89
N PRO B 55 -13.74 -20.17 2.04
CA PRO B 55 -14.92 -20.87 2.50
C PRO B 55 -14.64 -21.71 3.75
N GLU B 56 -13.39 -22.07 4.04
CA GLU B 56 -13.12 -22.82 5.26
C GLU B 56 -13.13 -21.93 6.53
N LEU B 57 -12.99 -20.64 6.35
CA LEU B 57 -12.92 -19.68 7.50
C LEU B 57 -14.24 -18.99 7.79
N SER B 58 -15.31 -19.54 7.23
CA SER B 58 -16.60 -18.90 7.28
C SER B 58 -17.06 -18.61 8.71
N ASP B 59 -16.69 -19.43 9.68
CA ASP B 59 -17.14 -19.23 11.06
C ASP B 59 -16.01 -18.66 11.92
N LYS B 60 -15.00 -18.09 11.27
CA LYS B 60 -13.91 -17.48 12.04
C LYS B 60 -14.20 -15.98 12.08
N THR B 61 -13.58 -15.25 12.99
CA THR B 61 -13.82 -13.79 12.93
C THR B 61 -12.52 -13.06 13.32
N ILE B 62 -12.32 -11.94 12.65
CA ILE B 62 -11.26 -11.00 13.04
C ILE B 62 -12.02 -9.98 13.89
N SER B 63 -11.50 -9.72 15.08
CA SER B 63 -12.17 -8.93 16.03
C SER B 63 -11.95 -7.47 15.73
N PRO B 64 -12.76 -6.58 16.35
CA PRO B 64 -12.50 -5.16 16.25
C PRO B 64 -11.11 -4.78 16.73
N LYS B 65 -10.64 -5.39 17.81
CA LYS B 65 -9.25 -5.17 18.21
C LYS B 65 -8.28 -5.64 17.09
N GLY B 66 -8.55 -6.82 16.54
CA GLY B 66 -7.74 -7.33 15.45
C GLY B 66 -7.65 -6.35 14.28
N TYR B 67 -8.83 -5.82 13.90
CA TYR B 67 -8.90 -4.87 12.86
C TYR B 67 -8.13 -3.61 13.18
N ALA B 68 -8.14 -3.22 14.43
CA ALA B 68 -7.35 -2.04 14.78
C ALA B 68 -5.86 -2.20 14.60
N ILE B 69 -5.38 -3.36 15.02
CA ILE B 69 -3.97 -3.71 14.75
C ILE B 69 -3.64 -3.78 13.28
N LEU B 70 -4.50 -4.45 12.46
CA LEU B 70 -4.32 -4.52 11.02
C LEU B 70 -4.32 -3.09 10.36
N GLN B 71 -5.17 -2.22 10.90
CA GLN B 71 -5.29 -0.88 10.45
C GLN B 71 -4.03 -0.11 10.79
N SER B 72 -3.54 -0.30 11.99
CA SER B 72 -2.34 0.37 12.40
CA SER B 72 -2.37 0.44 12.35
C SER B 72 -1.12 0.03 11.54
N LEU B 73 -1.05 -1.22 11.25
CA LEU B 73 -0.03 -1.76 10.33
C LEU B 73 -0.15 -1.22 8.97
N TRP B 74 -1.36 -1.14 8.46
CA TRP B 74 -1.60 -0.71 7.13
C TRP B 74 -1.16 0.74 6.91
N GLY B 75 -1.60 1.60 7.82
CA GLY B 75 -1.28 3.01 7.74
C GLY B 75 0.20 3.27 7.76
N ALA B 76 0.87 2.68 8.76
CA ALA B 76 2.29 2.82 8.87
C ALA B 76 3.08 2.29 7.65
N ALA B 77 2.68 1.13 7.16
CA ALA B 77 3.35 0.51 5.99
C ALA B 77 3.12 1.30 4.75
N SER B 78 1.86 1.77 4.55
CA SER B 78 1.52 2.60 3.42
C SER B 78 2.46 3.84 3.41
N ASP B 79 2.54 4.48 4.56
CA ASP B 79 3.26 5.70 4.67
C ASP B 79 4.74 5.51 4.48
N TYR B 80 5.25 4.43 5.06
CA TYR B 80 6.63 4.09 5.02
C TYR B 80 7.08 3.67 3.62
N SER B 81 6.28 2.88 2.91
CA SER B 81 6.66 2.50 1.56
C SER B 81 6.86 3.75 0.69
N ARG B 82 5.90 4.66 0.77
CA ARG B 82 6.03 5.93 0.06
C ARG B 82 7.22 6.83 0.53
N ALA B 83 7.42 6.98 1.83
CA ALA B 83 8.45 7.85 2.28
C ALA B 83 9.80 7.35 1.88
N ALA B 84 9.92 6.01 1.86
CA ALA B 84 11.17 5.33 1.51
C ALA B 84 11.60 5.37 0.04
N ALA B 85 10.71 5.84 -0.81
CA ALA B 85 10.97 6.03 -2.22
C ALA B 85 11.54 7.44 -2.43
N THR B 86 12.84 7.49 -2.63
CA THR B 86 13.50 8.76 -2.81
C THR B 86 14.43 8.75 -4.05
N LEU B 87 15.02 9.91 -4.34
CA LEU B 87 15.95 10.02 -5.41
C LEU B 87 17.26 9.26 -5.12
N THR B 88 17.57 8.96 -3.86
CA THR B 88 18.71 8.14 -3.53
C THR B 88 18.48 6.69 -3.87
N GLU B 89 17.38 6.14 -3.38
CA GLU B 89 16.86 4.85 -3.92
C GLU B 89 15.41 4.70 -3.67
N SER B 90 14.73 3.91 -4.50
CA SER B 90 13.29 3.77 -4.41
C SER B 90 12.81 2.38 -4.69
N THR B 91 13.72 1.39 -4.52
CA THR B 91 13.40 0.00 -4.90
C THR B 91 13.31 -0.98 -3.72
N VAL B 92 14.36 -1.05 -2.95
CA VAL B 92 14.52 -2.08 -1.95
C VAL B 92 13.72 -1.70 -0.70
N GLU B 93 13.93 -0.50 -0.20
CA GLU B 93 13.17 -0.20 1.04
C GLU B 93 11.61 -0.10 0.86
N PRO B 94 11.10 0.54 -0.23
CA PRO B 94 9.70 0.49 -0.52
C PRO B 94 9.25 -0.94 -0.78
N GLY B 95 10.07 -1.72 -1.49
CA GLY B 95 9.70 -3.08 -1.74
C GLY B 95 9.50 -3.90 -0.51
N LEU B 96 10.46 -3.85 0.35
CA LEU B 96 10.37 -4.63 1.53
C LEU B 96 9.10 -4.26 2.35
N VAL B 97 8.79 -2.96 2.45
CA VAL B 97 7.74 -2.47 3.29
C VAL B 97 6.45 -2.80 2.67
N SER B 98 6.39 -2.67 1.35
CA SER B 98 5.20 -3.05 0.59
C SER B 98 4.88 -4.55 0.68
N ALA B 99 5.92 -5.37 0.65
CA ALA B 99 5.77 -6.83 0.72
C ALA B 99 5.18 -7.25 2.11
N VAL B 100 5.61 -6.62 3.18
CA VAL B 100 4.92 -6.78 4.45
C VAL B 100 3.44 -6.43 4.43
N ASN B 101 3.11 -5.30 3.82
CA ASN B 101 1.79 -4.84 3.76
C ASN B 101 0.92 -5.82 2.96
N LYS B 102 1.49 -6.34 1.89
CA LYS B 102 0.74 -7.33 1.07
C LYS B 102 0.46 -8.62 1.80
N MET B 103 1.37 -8.94 2.70
CA MET B 103 1.30 -10.18 3.43
C MET B 103 0.19 -10.07 4.43
N SER B 104 0.02 -8.88 5.01
CA SER B 104 -1.05 -8.62 5.87
C SER B 104 -2.38 -8.57 5.12
N ALA B 105 -2.43 -7.94 3.95
CA ALA B 105 -3.65 -7.99 3.04
C ALA B 105 -4.03 -9.41 2.66
N PHE B 106 -3.01 -10.23 2.46
CA PHE B 106 -3.23 -11.67 2.17
C PHE B 106 -3.97 -12.38 3.29
N PHE B 107 -3.48 -12.25 4.53
CA PHE B 107 -4.20 -12.77 5.64
C PHE B 107 -5.66 -12.32 5.67
N MET B 108 -5.93 -11.07 5.34
CA MET B 108 -7.25 -10.53 5.44
C MET B 108 -8.08 -11.08 4.30
N ASP B 109 -7.42 -11.26 3.18
CA ASP B 109 -8.12 -11.71 1.97
C ASP B 109 -8.51 -13.20 2.10
N CYS B 110 -7.78 -13.93 2.93
CA CYS B 110 -8.14 -15.36 3.14
C CYS B 110 -9.49 -15.44 3.86
N LYS B 111 -9.83 -14.41 4.65
CA LYS B 111 -11.04 -14.38 5.44
C LYS B 111 -12.14 -13.59 4.78
N LEU B 112 -11.82 -12.44 4.17
CA LEU B 112 -12.85 -11.53 3.75
C LEU B 112 -13.10 -11.62 2.25
N SER B 113 -14.34 -11.43 1.86
CA SER B 113 -14.60 -11.20 0.42
C SER B 113 -14.21 -9.83 -0.08
N PRO B 114 -14.14 -9.65 -1.42
CA PRO B 114 -13.67 -8.35 -1.94
C PRO B 114 -14.53 -7.16 -1.44
N ASN B 115 -13.85 -6.09 -1.04
CA ASN B 115 -14.45 -4.87 -0.48
C ASN B 115 -15.14 -4.90 0.87
N GLU B 116 -15.10 -6.03 1.61
CA GLU B 116 -15.62 -6.07 2.98
C GLU B 116 -14.68 -5.21 3.78
N ARG B 117 -15.27 -4.31 4.54
CA ARG B 117 -14.54 -3.32 5.29
C ARG B 117 -14.18 -3.88 6.63
N ALA B 118 -13.01 -3.52 7.11
CA ALA B 118 -12.59 -3.67 8.48
C ALA B 118 -13.46 -2.83 9.39
N THR B 119 -13.67 -3.30 10.62
CA THR B 119 -14.43 -2.58 11.65
C THR B 119 -13.54 -2.47 12.94
N PRO B 120 -12.49 -1.60 12.91
CA PRO B 120 -11.48 -1.49 13.97
C PRO B 120 -12.06 -0.75 15.19
N ASP B 121 -11.58 -1.12 16.36
CA ASP B 121 -11.99 -0.48 17.56
C ASP B 121 -10.85 0.50 17.88
N PRO B 122 -11.09 1.81 17.77
CA PRO B 122 -9.97 2.79 17.99
C PRO B 122 -9.21 2.71 19.29
N ASP B 123 -9.87 2.15 20.28
CA ASP B 123 -9.29 1.85 21.56
C ASP B 123 -8.00 1.05 21.43
N PHE B 124 -7.92 0.25 20.37
CA PHE B 124 -6.77 -0.64 20.24
C PHE B 124 -5.78 -0.19 19.18
N LYS B 125 -5.82 1.09 18.81
CA LYS B 125 -4.91 1.68 17.81
C LYS B 125 -3.52 1.54 18.43
N VAL B 126 -2.54 1.09 17.65
CA VAL B 126 -1.14 1.00 18.13
C VAL B 126 -0.37 2.23 17.70
N GLY B 127 0.44 2.84 18.56
CA GLY B 127 1.14 3.98 18.10
C GLY B 127 2.01 3.78 16.89
N LYS B 128 2.01 4.77 16.03
CA LYS B 128 2.73 4.66 14.78
C LYS B 128 4.23 4.36 14.95
N SER B 129 4.86 4.93 15.96
CA SER B 129 6.27 4.68 16.11
C SER B 129 6.54 3.23 16.58
N LYS B 130 5.63 2.63 17.34
CA LYS B 130 5.81 1.24 17.71
C LYS B 130 5.56 0.34 16.55
N ILE B 131 4.57 0.66 15.71
CA ILE B 131 4.32 -0.15 14.50
C ILE B 131 5.50 -0.12 13.58
N LEU B 132 6.11 1.04 13.42
CA LEU B 132 7.23 1.24 12.50
C LEU B 132 8.42 0.39 12.93
N VAL B 133 8.74 0.41 14.21
CA VAL B 133 9.76 -0.50 14.78
C VAL B 133 9.44 -1.96 14.59
N GLY B 134 8.23 -2.38 14.87
CA GLY B 134 7.80 -3.76 14.49
C GLY B 134 8.03 -4.15 13.02
N ILE B 135 7.69 -3.27 12.10
CA ILE B 135 7.80 -3.58 10.69
C ILE B 135 9.30 -3.72 10.37
N MET B 136 10.08 -2.82 10.93
CA MET B 136 11.49 -2.83 10.64
C MET B 136 12.18 -4.06 11.20
N GLN B 137 11.81 -4.43 12.42
CA GLN B 137 12.32 -5.67 13.01
C GLN B 137 11.99 -6.91 12.17
N PHE B 138 10.78 -6.97 11.62
CA PHE B 138 10.40 -8.08 10.74
C PHE B 138 11.21 -8.05 9.45
N ILE B 139 11.38 -6.87 8.84
CA ILE B 139 12.23 -6.68 7.65
C ILE B 139 13.64 -7.17 7.91
N LYS B 140 14.21 -6.75 9.05
CA LYS B 140 15.53 -7.20 9.48
C LYS B 140 15.63 -8.74 9.57
N ASP B 141 14.55 -9.39 9.97
CA ASP B 141 14.49 -10.86 10.03
C ASP B 141 14.40 -11.56 8.68
N VAL B 142 13.65 -11.02 7.75
CA VAL B 142 13.41 -11.64 6.43
C VAL B 142 14.30 -11.17 5.32
N ALA B 143 15.01 -10.07 5.52
CA ALA B 143 15.96 -9.55 4.53
C ALA B 143 17.05 -10.56 4.30
N ASP B 144 17.50 -10.70 3.06
CA ASP B 144 18.70 -11.54 2.73
C ASP B 144 19.88 -10.90 3.46
N PRO B 145 20.84 -11.71 3.97
CA PRO B 145 22.06 -11.17 4.62
C PRO B 145 22.85 -10.17 3.80
N THR B 146 22.84 -10.30 2.47
CA THR B 146 23.61 -9.40 1.61
C THR B 146 22.74 -8.27 1.00
N SER B 147 21.46 -8.23 1.38
CA SER B 147 20.55 -7.20 0.90
C SER B 147 21.14 -5.82 1.27
N LYS B 148 21.02 -4.86 0.37
CA LYS B 148 21.43 -3.46 0.56
C LYS B 148 20.29 -2.50 0.21
N ILE B 149 20.23 -1.41 0.97
CA ILE B 149 19.39 -0.30 0.64
C ILE B 149 20.42 0.79 0.36
N TRP B 150 20.42 1.23 -0.87
CA TRP B 150 21.46 2.06 -1.42
C TRP B 150 22.82 1.39 -1.15
N MET B 151 23.74 2.09 -0.50
CA MET B 151 25.07 1.60 -0.15
C MET B 151 25.18 0.87 1.23
N HIS B 152 24.08 0.80 1.99
CA HIS B 152 24.06 0.17 3.33
C HIS B 152 23.47 -1.22 3.34
N ASN B 153 24.06 -2.06 4.18
CA ASN B 153 23.37 -3.32 4.49
C ASN B 153 21.96 -3.06 5.03
N THR B 154 20.95 -3.72 4.46
CA THR B 154 19.55 -3.56 4.86
C THR B 154 19.28 -3.78 6.35
N LYS B 155 19.68 -4.93 6.86
CA LYS B 155 19.61 -5.26 8.31
C LYS B 155 20.19 -4.15 9.15
N ALA B 156 21.36 -3.74 8.74
CA ALA B 156 22.04 -2.69 9.47
C ALA B 156 21.30 -1.33 9.44
N LEU B 157 20.75 -0.95 8.30
CA LEU B 157 20.00 0.28 8.23
C LEU B 157 18.74 0.15 9.03
N MET B 158 18.14 -1.04 9.06
CA MET B 158 16.98 -1.26 9.88
C MET B 158 17.34 -1.00 11.32
N ASN B 159 18.45 -1.54 11.79
CA ASN B 159 18.90 -1.21 13.16
C ASN B 159 19.12 0.27 13.38
N HIS B 160 19.72 0.91 12.39
CA HIS B 160 20.01 2.35 12.52
C HIS B 160 18.71 3.20 12.61
N LYS B 161 17.70 2.88 11.81
CA LYS B 161 16.43 3.59 11.84
C LYS B 161 15.65 3.32 13.15
N ILE B 162 15.71 2.09 13.63
CA ILE B 162 15.09 1.69 14.88
C ILE B 162 15.62 2.58 15.99
N ALA B 163 16.93 2.68 16.03
CA ALA B 163 17.55 3.49 17.08
C ALA B 163 17.08 4.93 16.96
N ALA B 164 16.93 5.38 15.71
CA ALA B 164 16.53 6.75 15.45
C ALA B 164 15.15 7.01 15.97
N ILE B 165 14.19 6.09 15.72
CA ILE B 165 12.85 6.24 16.20
C ILE B 165 12.81 6.16 17.73
N GLN B 166 13.60 5.27 18.32
CA GLN B 166 13.65 5.12 19.75
C GLN B 166 14.21 6.40 20.40
N LYS B 167 15.23 6.99 19.81
CA LYS B 167 15.71 8.30 20.28
C LYS B 167 14.70 9.46 20.21
N LEU B 168 13.89 9.51 19.15
CA LEU B 168 12.83 10.46 19.04
C LEU B 168 11.85 10.24 20.20
N GLU B 169 11.57 8.97 20.53
CA GLU B 169 10.66 8.67 21.63
C GLU B 169 11.19 9.22 22.91
N ARG B 170 12.48 9.06 23.13
CA ARG B 170 13.09 9.48 24.36
C ARG B 170 13.15 10.98 24.53
N SER B 171 13.17 11.73 23.45
CA SER B 171 13.23 13.21 23.59
C SER B 171 11.80 13.80 23.36
N ASN B 172 10.80 12.93 23.36
CA ASN B 172 9.41 13.33 23.15
C ASN B 172 9.15 14.10 21.83
N ASN B 173 9.73 13.61 20.72
CA ASN B 173 9.72 14.39 19.48
C ASN B 173 9.29 13.53 18.35
N VAL B 174 8.32 12.68 18.65
CA VAL B 174 7.71 11.85 17.64
C VAL B 174 6.55 12.62 17.05
N ASN B 175 6.58 12.83 15.77
CA ASN B 175 5.44 13.31 15.04
C ASN B 175 5.62 12.87 13.61
N ASP B 176 4.61 13.10 12.77
CA ASP B 176 4.70 12.58 11.43
C ASP B 176 5.91 13.08 10.64
N GLU B 177 6.27 14.35 10.86
CA GLU B 177 7.41 14.91 10.19
C GLU B 177 8.76 14.31 10.62
N THR B 178 8.97 14.15 11.93
CA THR B 178 10.18 13.52 12.44
C THR B 178 10.32 12.03 12.05
N LEU B 179 9.22 11.28 12.08
CA LEU B 179 9.15 9.90 11.62
C LEU B 179 9.44 9.87 10.14
N GLU B 180 8.84 10.78 9.40
CA GLU B 180 9.00 10.77 7.91
C GLU B 180 10.45 11.01 7.54
N SER B 181 11.15 11.85 8.29
CA SER B 181 12.51 12.14 8.06
C SER B 181 13.48 10.92 8.27
N VAL B 182 13.17 10.07 9.24
CA VAL B 182 13.88 8.76 9.40
C VAL B 182 13.49 7.79 8.28
N LEU B 183 12.19 7.72 7.96
CA LEU B 183 11.74 6.72 7.00
C LEU B 183 12.32 7.00 5.61
N SER B 184 12.50 8.27 5.26
CA SER B 184 13.00 8.64 3.97
C SER B 184 14.52 8.64 3.91
N SER B 185 15.20 8.59 5.04
CA SER B 185 16.67 8.63 5.03
C SER B 185 17.27 7.37 4.43
N LYS B 186 18.33 7.55 3.70
CA LYS B 186 19.15 6.42 3.24
C LYS B 186 20.51 6.52 3.87
N GLY B 187 20.60 7.18 5.01
CA GLY B 187 21.94 7.33 5.64
C GLY B 187 22.97 8.07 4.81
N GLU B 188 22.48 9.02 4.01
CA GLU B 188 23.32 9.75 3.09
C GLU B 188 24.44 10.50 3.83
N ASN B 189 24.19 10.92 5.06
CA ASN B 189 25.17 11.75 5.78
C ASN B 189 26.10 10.97 6.66
N LEU B 190 26.02 9.64 6.59
CA LEU B 190 26.86 8.81 7.45
C LEU B 190 28.25 8.72 6.84
N SER B 191 29.26 8.79 7.69
CA SER B 191 30.62 8.75 7.19
C SER B 191 31.03 7.40 6.63
N GLU B 192 30.49 6.32 7.18
CA GLU B 192 30.82 4.96 6.70
C GLU B 192 29.53 4.24 6.30
N TYR B 193 29.63 3.30 5.36
CA TYR B 193 28.48 2.47 4.98
C TYR B 193 28.24 1.33 6.00
N LEU B 194 26.98 1.06 6.30
CA LEU B 194 26.58 0.17 7.38
C LEU B 194 26.67 -1.28 6.88
N SER B 195 27.30 -2.14 7.69
CA SER B 195 27.52 -3.56 7.34
C SER B 195 26.87 -4.55 8.35
N TYR B 196 26.84 -5.83 7.95
CA TYR B 196 26.60 -7.04 8.85
C TYR B 196 25.24 -7.71 8.54
#